data_7ZYB
#
_entry.id   7ZYB
#
_cell.length_a   47.374
_cell.length_b   47.374
_cell.length_c   175.859
_cell.angle_alpha   90.000
_cell.angle_beta   90.000
_cell.angle_gamma   120.000
#
_symmetry.space_group_name_H-M   'P 62 2 2'
#
loop_
_entity.id
_entity.type
_entity.pdbx_description
1 polymer Cupin
2 non-polymer GLYCEROL
3 non-polymer 'CALCIUM ION'
4 water water
#
_entity_poly.entity_id   1
_entity_poly.type   'polypeptide(L)'
_entity_poly.pdbx_seq_one_letter_code
;MGSSHHHHHHSSGLVPRGSHMKTCSKVFLLENEISWEQVGEGIQRQILGYDGQLMLVKVKFQKGAIGNAHEHFHSQSTYV
VSGVFEFHVNGEKKIVKAGDGIYMEPDVLHGCTCLEAGILIDTFSPMREDFINE
;
_entity_poly.pdbx_strand_id   A
#
loop_
_chem_comp.id
_chem_comp.type
_chem_comp.name
_chem_comp.formula
CA non-polymer 'CALCIUM ION' 'Ca 2'
GOL non-polymer GLYCEROL 'C3 H8 O3'
#
# COMPACT_ATOMS: atom_id res chain seq x y z
N LYS A 22 -14.01 3.20 19.96
CA LYS A 22 -14.11 4.00 18.69
C LYS A 22 -13.10 3.89 17.49
N THR A 23 -13.47 3.14 16.45
CA THR A 23 -12.51 2.53 15.52
C THR A 23 -12.33 3.42 14.30
N CYS A 24 -11.34 4.30 14.40
CA CYS A 24 -11.03 5.22 13.30
C CYS A 24 -9.80 6.02 13.67
N SER A 25 -9.25 6.61 12.65
CA SER A 25 -8.10 7.49 12.81
C SER A 25 -8.55 8.87 13.34
N LYS A 26 -7.56 9.68 13.70
CA LYS A 26 -7.78 11.11 13.84
C LYS A 26 -8.24 11.73 12.51
N VAL A 27 -8.65 13.01 12.57
CA VAL A 27 -9.16 13.71 11.40
C VAL A 27 -8.02 14.16 10.49
N PHE A 28 -6.96 14.72 11.07
CA PHE A 28 -5.82 15.24 10.30
C PHE A 28 -4.62 14.35 10.65
N LEU A 29 -4.11 13.68 9.65
CA LEU A 29 -3.06 12.69 9.81
C LEU A 29 -1.80 13.40 9.27
N LEU A 30 -1.00 13.91 10.14
CA LEU A 30 0.13 14.72 9.69
C LEU A 30 1.36 13.85 9.62
N GLU A 31 2.04 13.86 8.48
CA GLU A 31 3.14 12.91 8.34
C GLU A 31 4.16 13.05 9.45
N ASN A 32 4.42 14.27 9.86
CA ASN A 32 5.46 14.44 10.85
C ASN A 32 4.99 14.16 12.26
N GLU A 33 3.81 13.57 12.45
CA GLU A 33 3.28 13.22 13.76
C GLU A 33 2.95 11.74 13.87
N ILE A 34 3.09 10.99 12.79
CA ILE A 34 2.70 9.59 12.73
C ILE A 34 3.97 8.78 12.59
N SER A 35 3.96 7.62 13.22
CA SER A 35 5.13 6.78 13.22
C SER A 35 5.17 6.00 11.93
N TRP A 36 6.35 5.93 11.37
CA TRP A 36 6.60 5.03 10.28
C TRP A 36 6.86 3.64 10.84
N GLU A 37 6.15 2.66 10.33
N GLU A 37 6.16 2.65 10.33
CA GLU A 37 6.29 1.28 10.74
CA GLU A 37 6.28 1.26 10.77
C GLU A 37 7.14 0.55 9.71
C GLU A 37 7.09 0.50 9.73
N GLN A 38 8.09 -0.23 10.19
CA GLN A 38 8.96 -0.99 9.31
C GLN A 38 8.21 -2.24 8.94
N VAL A 39 8.01 -2.47 7.66
CA VAL A 39 7.13 -3.52 7.17
C VAL A 39 7.94 -4.68 6.66
N GLY A 40 9.11 -4.38 6.15
CA GLY A 40 10.02 -5.38 5.66
C GLY A 40 11.22 -4.64 5.10
N GLU A 41 12.12 -5.38 4.48
CA GLU A 41 13.33 -4.76 3.94
C GLU A 41 13.01 -3.72 2.87
N GLY A 42 13.45 -2.50 3.11
CA GLY A 42 13.19 -1.41 2.20
C GLY A 42 11.75 -0.97 2.15
N ILE A 43 10.88 -1.36 3.09
CA ILE A 43 9.47 -0.98 3.04
C ILE A 43 9.03 -0.46 4.39
N GLN A 44 8.51 0.73 4.41
CA GLN A 44 8.00 1.41 5.59
C GLN A 44 6.62 1.96 5.28
N ARG A 45 5.74 2.03 6.28
CA ARG A 45 4.40 2.54 6.01
C ARG A 45 3.89 3.43 7.14
N GLN A 46 2.90 4.29 6.81
CA GLN A 46 2.16 5.06 7.80
C GLN A 46 0.70 4.73 7.52
N ILE A 47 -0.04 4.35 8.55
N ILE A 47 -0.02 4.33 8.54
CA ILE A 47 -1.48 4.24 8.41
CA ILE A 47 -1.46 4.26 8.41
C ILE A 47 -2.08 5.63 8.57
C ILE A 47 -2.02 5.67 8.55
N LEU A 48 -2.82 6.09 7.58
CA LEU A 48 -3.35 7.45 7.55
C LEU A 48 -4.88 7.38 7.90
N GLY A 49 -5.75 7.95 7.09
CA GLY A 49 -7.16 8.06 7.49
C GLY A 49 -7.86 6.72 7.37
N TYR A 50 -8.62 6.31 8.41
CA TYR A 50 -9.34 5.01 8.29
C TYR A 50 -10.50 4.98 9.25
N ASP A 51 -11.47 4.11 8.92
CA ASP A 51 -12.48 3.61 9.87
C ASP A 51 -12.62 2.16 9.55
N GLY A 52 -13.68 1.52 10.05
CA GLY A 52 -13.79 0.08 9.80
C GLY A 52 -14.04 -0.32 8.37
N GLN A 53 -14.49 0.62 7.53
CA GLN A 53 -14.84 0.34 6.17
C GLN A 53 -13.87 0.82 5.12
N LEU A 54 -12.91 1.66 5.53
CA LEU A 54 -12.00 2.28 4.54
C LEU A 54 -10.70 2.56 5.25
N MET A 55 -9.59 2.18 4.61
CA MET A 55 -8.31 2.44 5.24
C MET A 55 -7.32 2.86 4.13
N LEU A 56 -6.61 3.98 4.35
CA LEU A 56 -5.62 4.52 3.43
C LEU A 56 -4.25 4.38 4.07
N VAL A 57 -3.33 3.75 3.35
CA VAL A 57 -1.96 3.43 3.82
C VAL A 57 -0.96 4.00 2.85
N LYS A 58 0.06 4.66 3.40
CA LYS A 58 1.14 5.25 2.60
C LYS A 58 2.30 4.31 2.79
N VAL A 59 2.86 3.81 1.70
CA VAL A 59 3.92 2.80 1.76
C VAL A 59 5.10 3.33 0.94
N LYS A 60 6.25 3.51 1.62
CA LYS A 60 7.47 4.06 1.00
C LYS A 60 8.41 2.90 0.76
N PHE A 61 8.82 2.70 -0.50
CA PHE A 61 9.70 1.63 -0.95
C PHE A 61 11.04 2.16 -1.39
N GLN A 62 12.10 1.47 -0.96
N GLN A 62 12.10 1.47 -0.99
CA GLN A 62 13.40 1.61 -1.57
CA GLN A 62 13.40 1.71 -1.60
C GLN A 62 13.46 0.79 -2.86
C GLN A 62 13.57 0.75 -2.78
N LYS A 63 14.35 1.19 -3.76
CA LYS A 63 14.62 0.36 -4.92
C LYS A 63 14.91 -1.07 -4.51
N GLY A 64 14.35 -2.02 -5.25
CA GLY A 64 14.59 -3.41 -4.99
C GLY A 64 13.58 -4.04 -4.04
N ALA A 65 12.85 -3.23 -3.31
CA ALA A 65 11.96 -3.82 -2.31
C ALA A 65 10.82 -4.59 -3.00
N ILE A 66 10.31 -5.64 -2.33
N ILE A 66 10.30 -5.63 -2.32
CA ILE A 66 9.28 -6.51 -2.89
CA ILE A 66 9.29 -6.53 -2.87
C ILE A 66 8.08 -6.54 -1.97
C ILE A 66 8.08 -6.51 -1.96
N GLY A 67 6.91 -6.24 -2.55
CA GLY A 67 5.61 -6.50 -1.90
C GLY A 67 5.29 -7.94 -2.20
N ASN A 68 5.47 -8.77 -1.18
CA ASN A 68 5.26 -10.20 -1.36
C ASN A 68 3.84 -10.47 -1.86
N ALA A 69 3.74 -11.50 -2.73
CA ALA A 69 2.45 -11.86 -3.30
C ALA A 69 1.51 -12.28 -2.19
N HIS A 70 0.29 -11.79 -2.19
CA HIS A 70 -0.68 -12.21 -1.17
C HIS A 70 -2.08 -12.04 -1.73
N GLU A 71 -3.05 -12.59 -0.99
CA GLU A 71 -4.45 -12.60 -1.34
C GLU A 71 -5.15 -12.14 -0.08
N HIS A 72 -6.21 -11.32 -0.23
CA HIS A 72 -7.07 -11.02 0.92
C HIS A 72 -8.48 -10.66 0.45
N PHE A 73 -9.47 -10.88 1.33
CA PHE A 73 -10.85 -10.69 0.89
C PHE A 73 -11.14 -9.20 0.63
N HIS A 74 -10.36 -8.30 1.20
CA HIS A 74 -10.60 -6.87 1.02
C HIS A 74 -10.45 -6.45 -0.42
N SER A 75 -11.28 -5.50 -0.87
CA SER A 75 -11.02 -4.75 -2.08
C SER A 75 -9.82 -3.85 -1.86
N GLN A 76 -8.95 -3.72 -2.90
CA GLN A 76 -7.82 -2.80 -2.76
C GLN A 76 -7.74 -1.93 -3.99
N SER A 77 -7.41 -0.65 -3.82
CA SER A 77 -7.20 0.26 -4.93
C SER A 77 -5.96 1.08 -4.57
N THR A 78 -4.95 1.04 -5.45
CA THR A 78 -3.64 1.65 -5.17
C THR A 78 -3.39 2.77 -6.14
N TYR A 79 -2.69 3.77 -5.63
CA TYR A 79 -2.20 4.89 -6.45
C TYR A 79 -0.70 4.96 -6.37
N VAL A 80 -0.04 5.15 -7.50
CA VAL A 80 1.44 5.29 -7.52
C VAL A 80 1.75 6.77 -7.40
N VAL A 81 2.25 7.18 -6.25
CA VAL A 81 2.61 8.59 -6.04
C VAL A 81 3.88 8.97 -6.78
N SER A 82 4.86 8.08 -6.73
CA SER A 82 6.19 8.33 -7.28
C SER A 82 6.92 7.00 -7.45
N GLY A 83 8.06 7.05 -8.21
CA GLY A 83 8.73 5.82 -8.50
C GLY A 83 8.07 5.01 -9.61
N VAL A 84 8.58 3.81 -9.73
CA VAL A 84 8.25 2.91 -10.80
C VAL A 84 8.17 1.53 -10.17
N PHE A 85 7.09 0.82 -10.49
CA PHE A 85 6.87 -0.48 -9.95
C PHE A 85 6.41 -1.43 -11.03
N GLU A 86 6.79 -2.69 -10.86
CA GLU A 86 6.25 -3.79 -11.64
C GLU A 86 5.22 -4.48 -10.75
N PHE A 87 3.96 -4.36 -11.14
CA PHE A 87 2.87 -5.01 -10.44
C PHE A 87 2.38 -6.25 -11.17
N HIS A 88 1.88 -7.22 -10.39
CA HIS A 88 1.21 -8.37 -10.96
C HIS A 88 -0.14 -8.49 -10.24
N VAL A 89 -1.18 -8.74 -11.02
CA VAL A 89 -2.54 -8.91 -10.49
C VAL A 89 -3.13 -10.09 -11.25
N ASN A 90 -3.48 -11.14 -10.55
CA ASN A 90 -4.07 -12.34 -11.13
C ASN A 90 -3.18 -12.91 -12.20
N GLY A 91 -1.89 -12.76 -12.03
CA GLY A 91 -0.98 -13.35 -12.95
C GLY A 91 -0.55 -12.44 -14.09
N GLU A 92 -1.25 -11.32 -14.25
CA GLU A 92 -0.94 -10.32 -15.26
C GLU A 92 0.04 -9.27 -14.72
N LYS A 93 1.12 -8.97 -15.47
CA LYS A 93 2.14 -8.01 -15.07
C LYS A 93 2.01 -6.70 -15.82
N LYS A 94 2.24 -5.56 -15.14
CA LYS A 94 2.32 -4.26 -15.79
C LYS A 94 3.26 -3.34 -14.99
N ILE A 95 4.10 -2.59 -15.72
CA ILE A 95 4.86 -1.55 -15.06
C ILE A 95 3.97 -0.32 -14.91
N VAL A 96 3.88 0.21 -13.68
CA VAL A 96 3.12 1.42 -13.41
C VAL A 96 4.06 2.49 -12.86
N LYS A 97 3.66 3.75 -13.01
CA LYS A 97 4.51 4.87 -12.64
C LYS A 97 3.60 5.94 -12.10
N ALA A 98 4.20 7.03 -11.64
CA ALA A 98 3.51 8.10 -10.98
C ALA A 98 2.29 8.52 -11.80
N GLY A 99 1.12 8.53 -11.15
CA GLY A 99 -0.14 8.91 -11.76
C GLY A 99 -1.07 7.75 -12.06
N ASP A 100 -0.55 6.55 -12.07
CA ASP A 100 -1.27 5.34 -12.46
C ASP A 100 -1.93 4.71 -11.21
N GLY A 101 -2.98 3.98 -11.46
CA GLY A 101 -3.67 3.24 -10.41
C GLY A 101 -3.80 1.76 -10.72
N ILE A 102 -4.17 1.00 -9.68
CA ILE A 102 -4.31 -0.45 -9.83
C ILE A 102 -5.49 -0.84 -8.96
N TYR A 103 -6.37 -1.67 -9.53
CA TYR A 103 -7.51 -2.22 -8.80
C TYR A 103 -7.39 -3.73 -8.60
N MET A 104 -7.56 -4.17 -7.37
CA MET A 104 -7.40 -5.56 -6.96
C MET A 104 -8.70 -6.02 -6.33
N GLU A 105 -9.47 -6.79 -7.09
CA GLU A 105 -10.76 -7.24 -6.61
C GLU A 105 -10.55 -8.20 -5.45
N PRO A 106 -11.59 -8.42 -4.67
CA PRO A 106 -11.48 -9.35 -3.55
C PRO A 106 -10.83 -10.67 -3.94
N ASP A 107 -9.86 -11.07 -3.13
CA ASP A 107 -9.23 -12.38 -3.18
C ASP A 107 -8.24 -12.62 -4.33
N VAL A 108 -7.98 -11.64 -5.16
CA VAL A 108 -7.02 -11.83 -6.28
C VAL A 108 -5.59 -11.82 -5.74
N LEU A 109 -4.75 -12.66 -6.33
CA LEU A 109 -3.35 -12.69 -5.98
C LEU A 109 -2.68 -11.45 -6.56
N HIS A 110 -1.85 -10.77 -5.77
CA HIS A 110 -1.15 -9.58 -6.30
C HIS A 110 0.11 -9.29 -5.51
N GLY A 111 1.00 -8.48 -6.12
CA GLY A 111 2.17 -8.05 -5.41
C GLY A 111 2.96 -7.13 -6.34
N CYS A 112 4.16 -6.76 -5.93
CA CYS A 112 4.91 -5.76 -6.71
C CYS A 112 6.38 -5.80 -6.37
N THR A 113 7.16 -5.21 -7.28
CA THR A 113 8.58 -4.99 -7.06
C THR A 113 8.87 -3.55 -7.43
N CYS A 114 9.59 -2.87 -6.57
CA CYS A 114 9.95 -1.48 -6.82
C CYS A 114 11.18 -1.44 -7.70
N LEU A 115 11.01 -0.81 -8.84
CA LEU A 115 12.13 -0.60 -9.78
C LEU A 115 12.86 0.71 -9.54
N GLU A 116 12.16 1.73 -9.09
N GLU A 116 12.15 1.74 -9.10
CA GLU A 116 12.77 2.98 -8.66
CA GLU A 116 12.72 3.03 -8.70
C GLU A 116 12.02 3.44 -7.43
C GLU A 116 12.01 3.44 -7.42
N ALA A 117 12.77 3.88 -6.42
CA ALA A 117 12.20 4.22 -5.10
C ALA A 117 11.04 5.18 -5.22
N GLY A 118 10.00 4.90 -4.44
CA GLY A 118 8.82 5.74 -4.51
C GLY A 118 7.78 5.26 -3.51
N ILE A 119 6.65 5.90 -3.61
CA ILE A 119 5.57 5.77 -2.64
C ILE A 119 4.35 5.24 -3.38
N LEU A 120 3.66 4.32 -2.73
CA LEU A 120 2.30 3.87 -3.10
C LEU A 120 1.33 4.30 -2.01
N ILE A 121 0.10 4.66 -2.41
CA ILE A 121 -1.03 4.73 -1.49
C ILE A 121 -1.86 3.47 -1.74
N ASP A 122 -1.97 2.61 -0.75
CA ASP A 122 -2.87 1.43 -0.83
C ASP A 122 -4.10 1.75 -0.05
N THR A 123 -5.23 1.54 -0.69
N THR A 123 -5.25 1.54 -0.68
CA THR A 123 -6.49 1.73 0.03
CA THR A 123 -6.52 1.80 0.03
C THR A 123 -7.26 0.43 0.05
C THR A 123 -7.37 0.55 -0.03
N PHE A 124 -8.04 0.27 1.10
CA PHE A 124 -8.71 -1.01 1.33
C PHE A 124 -10.15 -0.73 1.76
N SER A 125 -11.06 -1.60 1.35
CA SER A 125 -12.43 -1.67 2.00
C SER A 125 -12.64 -3.18 2.19
N PRO A 126 -13.02 -3.65 3.41
CA PRO A 126 -13.06 -2.84 4.61
C PRO A 126 -11.65 -2.63 5.14
N MET A 127 -11.48 -2.10 6.35
CA MET A 127 -10.10 -1.89 6.83
C MET A 127 -9.37 -3.21 6.99
N ARG A 128 -8.03 -3.07 7.03
CA ARG A 128 -7.11 -4.13 7.29
C ARG A 128 -6.89 -4.13 8.79
N GLU A 129 -7.65 -5.00 9.47
CA GLU A 129 -7.60 -4.98 10.91
C GLU A 129 -6.20 -5.33 11.36
N ASP A 130 -5.51 -6.16 10.58
CA ASP A 130 -4.17 -6.58 10.94
C ASP A 130 -3.17 -5.43 10.95
N PHE A 131 -3.50 -4.34 10.31
CA PHE A 131 -2.56 -3.20 10.21
C PHE A 131 -2.58 -2.32 11.45
N ILE A 132 -3.53 -2.56 12.36
CA ILE A 132 -3.61 -1.74 13.56
C ILE A 132 -3.59 -2.60 14.81
N ASN A 133 -3.69 -3.91 14.63
CA ASN A 133 -3.75 -4.88 15.73
C ASN A 133 -2.60 -5.89 15.69
C1 GOL B . 1.44 -4.68 -3.43
O1 GOL B . 0.48 -5.43 -2.73
C2 GOL B . 1.38 -3.25 -2.89
O2 GOL B . 0.18 -2.57 -3.11
C3 GOL B . 1.83 -3.39 -1.43
O3 GOL B . 2.22 -2.12 -0.98
H11 GOL B . 2.34 -5.03 -3.32
H12 GOL B . 1.28 -4.67 -4.39
HO1 GOL B . -0.14 -4.85 -2.51
H2 GOL B . 2.01 -2.68 -3.39
HO2 GOL B . 0.36 -1.77 -3.32
H31 GOL B . 1.09 -3.76 -0.92
H32 GOL B . 2.54 -4.05 -1.37
HO3 GOL B . 2.44 -2.20 -0.15
CA CA C . -18.46 -1.70 2.86
CA CA D . -2.57 -6.18 -0.75
#